data_8GPH
#
_entry.id   8GPH
#
_cell.length_a   47.253
_cell.length_b   69.441
_cell.length_c   75.705
_cell.angle_alpha   90.000
_cell.angle_beta   90.000
_cell.angle_gamma   90.000
#
_symmetry.space_group_name_H-M   'P 21 21 21'
#
loop_
_entity.id
_entity.type
_entity.pdbx_description
1 polymer 'Peptidase C3'
2 non-polymer DI(HYDROXYETHYL)ETHER
3 non-polymer GLYCEROL
4 water water
#
_entity_poly.entity_id   1
_entity_poly.type   'polypeptide(L)'
_entity_poly.pdbx_seq_one_letter_code
;QPNVDMGFEAAVAKKVVVPITFMVPNRPSGLTQSALLVTGRTFLINEHTWSNPSWTSFTIRGEVHTRDEPFQTVHFTHHG
IPTDLMMVRLGPGNSFPNNLDKFGLDQMPARNSRVVGVSSSYGNFFFSGNFLGFVDSITSEQGTYARLFRYRVTTYKGWA
GSALVCEAGGVRRIIGLHSAGAAGIGAGTYISKLGLIKALKHLGEPLATMQ
;
_entity_poly.pdbx_strand_id   A
#
loop_
_chem_comp.id
_chem_comp.type
_chem_comp.name
_chem_comp.formula
GOL non-polymer GLYCEROL 'C3 H8 O3'
PEG non-polymer DI(HYDROXYETHYL)ETHER 'C4 H10 O3'
#
# COMPACT_ATOMS: atom_id res chain seq x y z
N VAL A 4 -6.32 -22.79 7.94
CA VAL A 4 -6.59 -21.64 7.09
C VAL A 4 -5.62 -21.68 5.91
N ASP A 5 -6.16 -21.61 4.72
CA ASP A 5 -5.28 -21.58 3.58
C ASP A 5 -4.62 -20.21 3.51
N MET A 6 -3.32 -20.21 3.48
CA MET A 6 -2.55 -18.96 3.44
C MET A 6 -1.62 -18.93 2.25
N GLY A 7 -1.89 -19.74 1.23
CA GLY A 7 -1.01 -19.77 0.07
C GLY A 7 -0.92 -18.43 -0.64
N PHE A 8 -2.06 -17.75 -0.79
CA PHE A 8 -2.05 -16.45 -1.45
C PHE A 8 -1.28 -15.42 -0.62
N GLU A 9 -1.58 -15.36 0.68
CA GLU A 9 -0.88 -14.42 1.55
C GLU A 9 0.62 -14.67 1.55
N ALA A 10 1.03 -15.95 1.50
CA ALA A 10 2.44 -16.28 1.43
C ALA A 10 3.07 -15.74 0.15
N ALA A 11 2.33 -15.80 -0.97
CA ALA A 11 2.84 -15.28 -2.22
C ALA A 11 2.94 -13.76 -2.19
N VAL A 12 1.99 -13.09 -1.51
CA VAL A 12 2.06 -11.65 -1.31
C VAL A 12 3.30 -11.29 -0.50
N ALA A 13 3.57 -12.04 0.56
CA ALA A 13 4.78 -11.80 1.34
C ALA A 13 6.03 -12.04 0.51
N LYS A 14 5.99 -13.03 -0.39
CA LYS A 14 7.18 -13.38 -1.14
C LYS A 14 7.48 -12.37 -2.25
N LYS A 15 6.45 -11.83 -2.89
CA LYS A 15 6.65 -11.07 -4.12
C LYS A 15 6.26 -9.60 -4.05
N VAL A 16 5.38 -9.19 -3.14
CA VAL A 16 4.76 -7.86 -3.16
C VAL A 16 5.29 -6.96 -2.06
N VAL A 17 5.21 -7.41 -0.80
CA VAL A 17 5.45 -6.53 0.33
C VAL A 17 6.95 -6.48 0.62
N VAL A 18 7.49 -5.28 0.74
CA VAL A 18 8.91 -5.12 1.06
C VAL A 18 9.07 -4.00 2.09
N PRO A 19 10.16 -4.03 2.85
CA PRO A 19 10.43 -2.91 3.75
C PRO A 19 10.97 -1.71 2.98
N ILE A 20 10.65 -0.52 3.49
CA ILE A 20 11.16 0.73 2.97
C ILE A 20 11.56 1.59 4.17
N THR A 21 12.71 2.24 4.09
CA THR A 21 13.22 3.02 5.21
C THR A 21 13.52 4.42 4.73
N PHE A 22 12.91 5.42 5.37
CA PHE A 22 13.16 6.83 5.05
C PHE A 22 14.18 7.40 6.03
N MET A 23 15.26 7.97 5.49
CA MET A 23 16.35 8.52 6.28
C MET A 23 16.13 10.00 6.49
N VAL A 24 16.36 10.47 7.71
CA VAL A 24 16.03 11.86 8.05
C VAL A 24 17.19 12.55 8.75
N PRO A 25 17.26 13.88 8.66
CA PRO A 25 18.31 14.64 9.35
C PRO A 25 17.91 15.16 10.73
N ASN A 26 16.75 14.77 11.24
CA ASN A 26 16.28 15.31 12.52
C ASN A 26 15.89 14.22 13.52
N ARG A 27 16.24 12.96 13.25
CA ARG A 27 16.01 11.85 14.16
C ARG A 27 17.19 10.90 14.06
N PRO A 28 17.54 10.20 15.15
CA PRO A 28 18.69 9.29 15.11
C PRO A 28 18.50 8.05 14.24
N SER A 29 17.27 7.70 13.85
CA SER A 29 17.07 6.47 13.08
C SER A 29 16.11 6.72 11.93
N GLY A 30 16.23 5.86 10.91
CA GLY A 30 15.32 5.92 9.80
C GLY A 30 13.91 5.48 10.18
N LEU A 31 12.94 5.93 9.40
CA LEU A 31 11.55 5.54 9.58
C LEU A 31 11.26 4.36 8.65
N THR A 32 10.96 3.20 9.23
CA THR A 32 10.71 2.00 8.46
C THR A 32 9.23 1.67 8.44
N GLN A 33 8.73 1.32 7.26
CA GLN A 33 7.39 0.77 7.11
C GLN A 33 7.42 -0.18 5.93
N SER A 34 6.26 -0.47 5.36
CA SER A 34 6.16 -1.37 4.22
C SER A 34 5.81 -0.61 2.93
N ALA A 35 6.15 -1.23 1.80
CA ALA A 35 5.74 -0.74 0.49
C ALA A 35 5.28 -1.92 -0.35
N LEU A 36 4.51 -1.66 -1.39
CA LEU A 36 3.96 -2.71 -2.23
C LEU A 36 4.53 -2.60 -3.64
N LEU A 37 5.26 -3.62 -4.08
CA LEU A 37 5.77 -3.63 -5.45
C LEU A 37 4.62 -3.94 -6.41
N VAL A 38 4.45 -3.11 -7.45
CA VAL A 38 3.34 -3.30 -8.38
C VAL A 38 3.85 -4.01 -9.62
N THR A 39 4.73 -3.38 -10.37
CA THR A 39 5.36 -3.98 -11.54
C THR A 39 6.46 -3.04 -12.01
N GLY A 40 7.44 -3.60 -12.73
CA GLY A 40 8.48 -2.81 -13.36
C GLY A 40 9.31 -2.03 -12.36
N ARG A 41 9.15 -0.71 -12.35
CA ARG A 41 9.86 0.13 -11.37
C ARG A 41 8.88 0.92 -10.53
N THR A 42 7.63 0.45 -10.43
CA THR A 42 6.56 1.18 -9.76
C THR A 42 6.14 0.47 -8.48
N PHE A 43 5.98 1.23 -7.39
CA PHE A 43 5.48 0.68 -6.13
C PHE A 43 4.42 1.61 -5.53
N LEU A 44 3.71 1.10 -4.52
CA LEU A 44 2.72 1.87 -3.77
C LEU A 44 3.25 2.20 -2.39
N ILE A 45 2.91 3.39 -1.91
CA ILE A 45 3.37 3.90 -0.62
C ILE A 45 2.34 4.87 -0.09
N ASN A 46 2.26 5.01 1.23
CA ASN A 46 1.33 5.95 1.82
C ASN A 46 1.70 7.38 1.48
N GLU A 47 0.67 8.18 1.15
CA GLU A 47 0.92 9.59 0.89
C GLU A 47 1.44 10.33 2.12
N HIS A 48 0.96 9.98 3.31
CA HIS A 48 1.41 10.74 4.48
C HIS A 48 2.89 10.53 4.74
N THR A 49 3.39 9.34 4.42
CA THR A 49 4.82 9.05 4.54
C THR A 49 5.61 9.74 3.43
N TRP A 50 5.13 9.60 2.19
CA TRP A 50 5.85 10.15 1.03
C TRP A 50 5.96 11.66 1.11
N SER A 51 4.88 12.34 1.50
CA SER A 51 4.86 13.79 1.50
C SER A 51 5.50 14.41 2.74
N ASN A 52 5.81 13.63 3.76
CA ASN A 52 6.43 14.21 4.94
C ASN A 52 7.71 14.93 4.54
N PRO A 53 7.93 16.17 4.99
CA PRO A 53 9.04 16.98 4.46
C PRO A 53 10.41 16.64 4.99
N SER A 54 10.53 15.78 6.01
CA SER A 54 11.81 15.62 6.68
C SER A 54 12.80 14.77 5.88
N TRP A 55 12.34 13.69 5.25
CA TRP A 55 13.29 12.72 4.75
C TRP A 55 14.15 13.30 3.62
N THR A 56 15.42 12.88 3.60
CA THR A 56 16.36 13.25 2.55
C THR A 56 16.69 12.10 1.61
N SER A 57 16.43 10.86 2.00
CA SER A 57 16.57 9.72 1.08
C SER A 57 15.72 8.58 1.62
N PHE A 58 15.56 7.54 0.80
CA PHE A 58 14.95 6.32 1.29
C PHE A 58 15.66 5.13 0.66
N THR A 59 15.54 3.97 1.32
CA THR A 59 16.08 2.74 0.76
C THR A 59 14.95 1.76 0.50
N ILE A 60 15.02 1.09 -0.63
CA ILE A 60 14.08 0.04 -1.00
C ILE A 60 14.80 -0.91 -1.95
N ARG A 61 14.58 -2.21 -1.76
CA ARG A 61 15.13 -3.23 -2.67
C ARG A 61 16.64 -3.07 -2.85
N GLY A 62 17.34 -2.74 -1.77
CA GLY A 62 18.77 -2.60 -1.79
C GLY A 62 19.30 -1.33 -2.41
N GLU A 63 18.43 -0.37 -2.79
CA GLU A 63 18.80 0.84 -3.49
C GLU A 63 18.57 2.06 -2.59
N VAL A 64 19.41 3.08 -2.75
CA VAL A 64 19.23 4.37 -2.08
C VAL A 64 18.73 5.39 -3.11
N HIS A 65 17.70 6.14 -2.74
CA HIS A 65 17.14 7.17 -3.61
C HIS A 65 17.02 8.48 -2.85
N THR A 66 17.56 9.55 -3.41
CA THR A 66 17.50 10.85 -2.74
C THR A 66 16.21 11.59 -3.09
N ARG A 67 15.87 12.57 -2.25
CA ARG A 67 14.58 13.23 -2.39
C ARG A 67 14.49 14.03 -3.68
N ASP A 68 15.60 14.54 -4.20
CA ASP A 68 15.56 15.39 -5.38
C ASP A 68 15.61 14.61 -6.69
N GLU A 69 15.54 13.28 -6.66
CA GLU A 69 15.41 12.52 -7.89
C GLU A 69 14.06 12.82 -8.53
N PRO A 70 13.99 12.75 -9.88
CA PRO A 70 12.74 13.14 -10.58
C PRO A 70 11.70 12.01 -10.62
N PHE A 71 11.25 11.60 -9.43
CA PHE A 71 10.24 10.55 -9.37
C PHE A 71 9.00 10.93 -10.15
N GLN A 72 8.45 9.98 -10.89
CA GLN A 72 7.11 10.16 -11.46
C GLN A 72 6.11 9.57 -10.47
N THR A 73 5.10 10.35 -10.09
CA THR A 73 4.19 9.89 -9.05
C THR A 73 2.74 10.20 -9.40
N VAL A 74 1.84 9.41 -8.83
CA VAL A 74 0.41 9.68 -8.86
C VAL A 74 -0.10 9.69 -7.43
N HIS A 75 -0.79 10.76 -7.05
CA HIS A 75 -1.51 10.82 -5.79
C HIS A 75 -2.98 10.60 -6.08
N PHE A 76 -3.55 9.50 -5.58
CA PHE A 76 -4.94 9.19 -5.85
C PHE A 76 -5.87 10.06 -5.02
N THR A 77 -6.94 10.52 -5.65
CA THR A 77 -7.99 11.28 -4.97
C THR A 77 -9.35 10.64 -5.28
N HIS A 78 -10.33 10.98 -4.46
CA HIS A 78 -11.68 10.46 -4.63
C HIS A 78 -12.66 11.60 -4.42
N HIS A 79 -13.44 11.92 -5.45
CA HIS A 79 -14.40 13.03 -5.42
C HIS A 79 -13.75 14.32 -4.96
N GLY A 80 -12.47 14.50 -5.34
CA GLY A 80 -11.74 15.71 -5.00
C GLY A 80 -11.10 15.74 -3.63
N ILE A 81 -11.19 14.65 -2.86
CA ILE A 81 -10.60 14.59 -1.52
C ILE A 81 -9.37 13.69 -1.62
N PRO A 82 -8.24 14.05 -0.99
CA PRO A 82 -7.05 13.20 -1.09
C PRO A 82 -7.25 11.84 -0.42
N THR A 83 -6.69 10.82 -1.05
CA THR A 83 -6.49 9.54 -0.37
C THR A 83 -5.08 9.50 0.21
N ASP A 84 -4.83 8.45 1.00
CA ASP A 84 -3.51 8.19 1.55
C ASP A 84 -2.68 7.28 0.64
N LEU A 85 -3.01 7.18 -0.64
CA LEU A 85 -2.33 6.27 -1.56
C LEU A 85 -1.52 7.05 -2.59
N MET A 86 -0.23 6.70 -2.71
CA MET A 86 0.64 7.21 -3.76
C MET A 86 1.17 6.04 -4.59
N MET A 87 1.31 6.27 -5.88
CA MET A 87 2.07 5.39 -6.75
C MET A 87 3.36 6.10 -7.15
N VAL A 88 4.51 5.44 -6.99
CA VAL A 88 5.81 6.04 -7.28
C VAL A 88 6.53 5.17 -8.30
N ARG A 89 7.02 5.79 -9.38
CA ARG A 89 7.84 5.09 -10.35
C ARG A 89 9.28 5.57 -10.23
N LEU A 90 10.20 4.64 -9.96
CA LEU A 90 11.62 4.93 -9.85
C LEU A 90 12.23 5.07 -11.23
N GLY A 91 13.46 5.63 -11.27
CA GLY A 91 14.24 5.62 -12.47
C GLY A 91 14.69 4.22 -12.83
N PRO A 92 15.41 4.10 -13.95
CA PRO A 92 15.81 2.77 -14.42
C PRO A 92 16.62 2.00 -13.40
N GLY A 93 16.41 0.68 -13.39
CA GLY A 93 17.05 -0.19 -12.42
C GLY A 93 16.49 -1.59 -12.55
N ASN A 94 16.83 -2.44 -11.59
CA ASN A 94 16.37 -3.82 -11.64
C ASN A 94 14.87 -3.88 -11.44
N SER A 95 14.19 -4.67 -12.27
CA SER A 95 12.74 -4.68 -12.28
C SER A 95 12.16 -5.39 -11.07
N PHE A 96 10.96 -4.95 -10.68
CA PHE A 96 10.13 -5.66 -9.72
C PHE A 96 9.37 -6.78 -10.45
N PRO A 97 8.86 -7.77 -9.73
CA PRO A 97 7.93 -8.72 -10.36
C PRO A 97 6.69 -7.99 -10.80
N ASN A 98 6.01 -8.53 -11.83
CA ASN A 98 4.69 -8.04 -12.17
C ASN A 98 3.70 -8.69 -11.22
N ASN A 99 3.17 -7.90 -10.29
CA ASN A 99 2.23 -8.39 -9.28
C ASN A 99 0.80 -7.98 -9.56
N LEU A 100 0.49 -7.56 -10.79
CA LEU A 100 -0.87 -7.11 -11.05
C LEU A 100 -1.88 -8.23 -10.93
N ASP A 101 -1.45 -9.50 -11.01
CA ASP A 101 -2.39 -10.60 -10.81
C ASP A 101 -2.87 -10.70 -9.37
N LYS A 102 -2.26 -9.98 -8.44
CA LYS A 102 -2.56 -10.12 -7.02
C LYS A 102 -3.42 -8.99 -6.47
N PHE A 103 -3.74 -7.97 -7.27
CA PHE A 103 -4.49 -6.81 -6.81
C PHE A 103 -5.90 -6.81 -7.38
N GLY A 104 -6.86 -6.44 -6.54
CA GLY A 104 -8.19 -6.09 -6.99
C GLY A 104 -9.22 -7.17 -6.84
N LEU A 105 -10.40 -6.79 -6.35
CA LEU A 105 -11.58 -7.66 -6.31
C LEU A 105 -12.71 -7.02 -7.09
N ASP A 106 -13.47 -7.85 -7.82
CA ASP A 106 -14.62 -7.33 -8.55
C ASP A 106 -15.90 -7.30 -7.72
N GLN A 107 -15.95 -8.03 -6.61
CA GLN A 107 -17.06 -8.02 -5.69
C GLN A 107 -16.61 -7.44 -4.34
N MET A 108 -17.56 -6.92 -3.60
CA MET A 108 -17.23 -6.38 -2.28
C MET A 108 -17.11 -7.51 -1.26
N PRO A 109 -16.15 -7.42 -0.32
CA PRO A 109 -16.06 -8.44 0.74
C PRO A 109 -17.30 -8.46 1.61
N ALA A 110 -17.65 -9.64 2.11
CA ALA A 110 -18.83 -9.76 2.97
C ALA A 110 -18.59 -9.11 4.31
N ARG A 111 -19.66 -8.76 5.00
CA ARG A 111 -19.51 -8.19 6.33
C ARG A 111 -18.83 -9.20 7.22
N ASN A 112 -17.89 -8.74 8.05
CA ASN A 112 -17.18 -9.63 8.97
C ASN A 112 -16.31 -10.71 8.35
N SER A 113 -16.00 -10.61 7.05
CA SER A 113 -15.04 -11.54 6.47
C SER A 113 -13.64 -11.23 7.00
N ARG A 114 -12.69 -12.11 6.69
CA ARG A 114 -11.34 -12.01 7.24
C ARG A 114 -10.48 -11.10 6.40
N VAL A 115 -9.84 -10.13 7.05
CA VAL A 115 -8.79 -9.32 6.44
C VAL A 115 -7.47 -9.84 6.97
N VAL A 116 -6.52 -10.11 6.08
CA VAL A 116 -5.16 -10.48 6.49
C VAL A 116 -4.22 -9.39 6.02
N GLY A 117 -3.49 -8.80 6.96
CA GLY A 117 -2.46 -7.84 6.62
C GLY A 117 -1.12 -8.56 6.49
N VAL A 118 -0.38 -8.19 5.45
CA VAL A 118 0.93 -8.75 5.15
C VAL A 118 1.94 -7.61 5.24
N SER A 119 2.88 -7.72 6.17
CA SER A 119 3.75 -6.61 6.53
C SER A 119 5.21 -7.02 6.46
N SER A 120 6.07 -6.06 6.12
CA SER A 120 7.51 -6.17 6.28
C SER A 120 8.04 -5.05 7.17
N SER A 121 7.19 -4.54 8.06
CA SER A 121 7.52 -3.31 8.80
C SER A 121 8.42 -3.55 10.00
N TYR A 122 8.42 -4.77 10.54
CA TYR A 122 9.18 -5.10 11.74
C TYR A 122 9.74 -6.51 11.56
N GLY A 123 10.51 -6.71 10.50
CA GLY A 123 10.60 -8.03 9.91
C GLY A 123 9.25 -8.36 9.28
N ASN A 124 9.11 -9.59 8.83
CA ASN A 124 7.88 -10.00 8.18
C ASN A 124 6.89 -10.58 9.17
N PHE A 125 5.63 -10.21 9.01
CA PHE A 125 4.60 -10.79 9.85
C PHE A 125 3.24 -10.63 9.19
N PHE A 126 2.27 -11.40 9.67
CA PHE A 126 0.87 -11.23 9.30
C PHE A 126 0.08 -10.68 10.48
N PHE A 127 -1.02 -9.99 10.18
CA PHE A 127 -2.00 -9.63 11.17
C PHE A 127 -3.38 -9.80 10.56
N SER A 128 -4.40 -9.89 11.40
CA SER A 128 -5.72 -10.17 10.84
C SER A 128 -6.81 -9.57 11.71
N GLY A 129 -7.97 -9.34 11.11
CA GLY A 129 -9.15 -8.87 11.81
C GLY A 129 -10.36 -8.94 10.90
N ASN A 130 -11.54 -8.73 11.50
CA ASN A 130 -12.78 -8.81 10.73
C ASN A 130 -12.99 -7.53 9.93
N PHE A 131 -13.48 -7.71 8.71
CA PHE A 131 -13.83 -6.61 7.81
C PHE A 131 -15.02 -5.85 8.38
N LEU A 132 -14.89 -4.53 8.57
CA LEU A 132 -15.96 -3.71 9.12
C LEU A 132 -16.72 -2.90 8.08
N GLY A 133 -16.24 -2.85 6.84
CA GLY A 133 -16.91 -2.14 5.77
C GLY A 133 -16.09 -0.98 5.23
N PHE A 134 -16.55 -0.46 4.11
CA PHE A 134 -15.93 0.71 3.50
C PHE A 134 -16.42 1.97 4.18
N VAL A 135 -15.55 2.99 4.22
CA VAL A 135 -15.92 4.31 4.72
C VAL A 135 -15.49 5.34 3.68
N ASP A 136 -16.30 6.38 3.50
CA ASP A 136 -15.95 7.41 2.54
C ASP A 136 -14.69 8.16 2.97
N SER A 137 -14.46 8.28 4.27
CA SER A 137 -13.31 9.03 4.77
C SER A 137 -13.03 8.63 6.22
N ILE A 138 -11.82 8.95 6.65
CA ILE A 138 -11.46 8.96 8.07
C ILE A 138 -11.03 10.38 8.43
N THR A 139 -11.17 10.68 9.72
CA THR A 139 -10.70 11.94 10.27
C THR A 139 -9.45 11.65 11.09
N SER A 140 -8.33 12.25 10.69
CA SER A 140 -7.03 11.91 11.25
C SER A 140 -6.33 13.14 11.81
N GLU A 141 -5.24 12.87 12.55
CA GLU A 141 -4.40 13.93 13.09
C GLU A 141 -3.78 14.79 12.01
N GLN A 142 -3.78 14.33 10.76
CA GLN A 142 -3.23 15.07 9.64
C GLN A 142 -4.29 15.58 8.67
N GLY A 143 -5.57 15.44 8.99
CA GLY A 143 -6.67 15.86 8.14
C GLY A 143 -7.54 14.70 7.71
N THR A 144 -8.45 15.01 6.77
CA THR A 144 -9.35 14.01 6.23
C THR A 144 -8.67 13.23 5.10
N TYR A 145 -8.83 11.90 5.10
CA TYR A 145 -8.40 11.05 4.00
C TYR A 145 -9.61 10.27 3.48
N ALA A 146 -9.63 10.02 2.17
CA ALA A 146 -10.81 9.41 1.55
C ALA A 146 -10.57 7.98 1.09
N ARG A 147 -11.69 7.23 0.99
CA ARG A 147 -11.80 5.94 0.30
C ARG A 147 -11.02 4.84 1.00
N LEU A 148 -11.50 4.43 2.17
CA LEU A 148 -10.85 3.44 3.00
C LEU A 148 -11.83 2.33 3.33
N PHE A 149 -11.31 1.29 3.99
CA PHE A 149 -12.15 0.33 4.69
C PHE A 149 -11.49 0.03 6.03
N ARG A 150 -12.28 -0.52 6.93
CA ARG A 150 -11.82 -0.74 8.27
C ARG A 150 -11.85 -2.18 8.71
N TYR A 151 -11.07 -2.49 9.73
CA TYR A 151 -10.95 -3.84 10.21
C TYR A 151 -10.68 -3.84 11.70
N ARG A 152 -11.22 -4.82 12.41
CA ARG A 152 -11.12 -4.84 13.86
C ARG A 152 -9.84 -5.57 14.26
N VAL A 153 -8.80 -4.79 14.56
CA VAL A 153 -7.52 -5.30 15.04
C VAL A 153 -6.69 -4.09 15.46
N THR A 154 -5.96 -4.20 16.58
CA THR A 154 -5.10 -3.11 17.00
C THR A 154 -3.86 -3.09 16.13
N THR A 155 -3.60 -1.95 15.52
CA THR A 155 -2.46 -1.77 14.65
C THR A 155 -1.52 -0.72 15.24
N TYR A 156 -0.28 -0.69 14.74
CA TYR A 156 0.80 0.08 15.36
C TYR A 156 1.52 0.96 14.37
N LYS A 157 2.13 2.02 14.91
CA LYS A 157 3.00 2.87 14.11
C LYS A 157 4.05 2.02 13.42
N GLY A 158 4.24 2.26 12.12
CA GLY A 158 5.12 1.47 11.32
C GLY A 158 4.42 0.46 10.44
N TRP A 159 3.21 0.04 10.83
CA TRP A 159 2.51 -0.95 10.02
C TRP A 159 1.95 -0.38 8.72
N ALA A 160 1.99 0.95 8.52
CA ALA A 160 1.54 1.51 7.25
C ALA A 160 2.23 0.82 6.07
N GLY A 161 1.51 0.72 4.97
CA GLY A 161 2.03 0.12 3.77
C GLY A 161 1.81 -1.37 3.67
N SER A 162 1.43 -2.02 4.75
CA SER A 162 1.16 -3.46 4.70
C SER A 162 0.03 -3.76 3.72
N ALA A 163 0.16 -4.86 2.97
CA ALA A 163 -0.89 -5.25 2.06
C ALA A 163 -2.09 -5.81 2.83
N LEU A 164 -3.30 -5.46 2.38
CA LEU A 164 -4.53 -5.93 3.01
C LEU A 164 -5.23 -6.88 2.05
N VAL A 165 -5.28 -8.17 2.41
CA VAL A 165 -5.88 -9.21 1.58
C VAL A 165 -7.29 -9.48 2.09
N CYS A 166 -8.28 -9.33 1.22
CA CYS A 166 -9.68 -9.60 1.53
C CYS A 166 -10.22 -10.64 0.57
N GLU A 167 -11.45 -11.09 0.84
CA GLU A 167 -12.04 -12.19 0.10
C GLU A 167 -13.39 -11.77 -0.46
N ALA A 168 -13.62 -12.07 -1.73
CA ALA A 168 -14.94 -11.89 -2.33
C ALA A 168 -15.02 -12.75 -3.57
N GLY A 169 -16.20 -13.33 -3.82
CA GLY A 169 -16.37 -14.18 -4.98
C GLY A 169 -15.45 -15.38 -5.01
N GLY A 170 -15.19 -15.98 -3.84
CA GLY A 170 -14.33 -17.14 -3.76
C GLY A 170 -12.86 -16.89 -4.05
N VAL A 171 -12.41 -15.65 -4.10
CA VAL A 171 -10.99 -15.37 -4.31
C VAL A 171 -10.51 -14.36 -3.28
N ARG A 172 -9.22 -14.47 -2.96
CA ARG A 172 -8.53 -13.54 -2.08
C ARG A 172 -7.56 -12.72 -2.92
N ARG A 173 -7.59 -11.39 -2.73
CA ARG A 173 -6.74 -10.46 -3.46
C ARG A 173 -6.38 -9.30 -2.55
N ILE A 174 -5.30 -8.57 -2.91
CA ILE A 174 -4.95 -7.34 -2.21
C ILE A 174 -5.93 -6.26 -2.64
N ILE A 175 -6.62 -5.62 -1.69
CA ILE A 175 -7.45 -4.48 -2.06
C ILE A 175 -7.16 -3.26 -1.20
N GLY A 176 -6.07 -3.29 -0.45
CA GLY A 176 -5.71 -2.14 0.32
C GLY A 176 -4.31 -2.05 0.85
N LEU A 177 -3.97 -0.87 1.35
CA LEU A 177 -2.67 -0.66 1.98
C LEU A 177 -3.01 -0.04 3.33
N HIS A 178 -2.37 -0.53 4.38
CA HIS A 178 -2.68 -0.03 5.71
C HIS A 178 -2.35 1.42 5.87
N SER A 179 -3.24 2.15 6.52
CA SER A 179 -3.06 3.59 6.65
C SER A 179 -3.02 4.11 8.08
N ALA A 180 -3.96 3.69 8.93
CA ALA A 180 -4.18 4.41 10.17
C ALA A 180 -4.76 3.48 11.22
N GLY A 181 -4.70 3.90 12.47
CA GLY A 181 -5.31 3.16 13.55
C GLY A 181 -6.01 4.09 14.52
N ALA A 182 -7.05 3.57 15.16
CA ALA A 182 -7.82 4.39 16.10
C ALA A 182 -8.57 3.46 17.04
N ALA A 183 -8.11 3.39 18.29
CA ALA A 183 -8.85 2.72 19.37
C ALA A 183 -9.26 1.29 18.99
N GLY A 184 -8.29 0.50 18.55
CA GLY A 184 -8.53 -0.90 18.25
C GLY A 184 -9.06 -1.20 16.87
N ILE A 185 -9.23 -0.20 16.02
CA ILE A 185 -9.76 -0.38 14.66
C ILE A 185 -8.74 0.17 13.68
N GLY A 186 -8.32 -0.67 12.71
CA GLY A 186 -7.43 -0.21 11.66
C GLY A 186 -8.19 0.26 10.43
N ALA A 187 -7.53 1.12 9.65
CA ALA A 187 -8.10 1.63 8.41
C ALA A 187 -7.07 1.52 7.30
N GLY A 188 -7.50 1.02 6.15
CA GLY A 188 -6.62 0.85 5.00
C GLY A 188 -7.21 1.58 3.80
N THR A 189 -6.33 2.08 2.94
CA THR A 189 -6.76 2.80 1.75
C THR A 189 -7.03 1.82 0.62
N TYR A 190 -8.19 1.96 -0.01
CA TYR A 190 -8.64 1.01 -1.03
C TYR A 190 -7.81 1.08 -2.30
N ILE A 191 -7.61 -0.07 -2.93
CA ILE A 191 -6.88 -0.18 -4.18
C ILE A 191 -7.78 -0.88 -5.19
N SER A 192 -7.98 -0.25 -6.35
CA SER A 192 -8.72 -0.90 -7.43
C SER A 192 -7.80 -1.19 -8.61
N LYS A 193 -8.11 -2.29 -9.30
CA LYS A 193 -7.36 -2.67 -10.49
C LYS A 193 -7.44 -1.59 -11.56
N LEU A 194 -8.64 -1.08 -11.82
CA LEU A 194 -8.77 -0.06 -12.86
C LEU A 194 -7.95 1.17 -12.53
N GLY A 195 -7.90 1.56 -11.26
CA GLY A 195 -7.13 2.72 -10.88
C GLY A 195 -5.63 2.51 -11.06
N LEU A 196 -5.14 1.31 -10.71
CA LEU A 196 -3.73 1.00 -10.90
C LEU A 196 -3.34 1.07 -12.37
N ILE A 197 -4.16 0.46 -13.24
CA ILE A 197 -3.85 0.42 -14.67
C ILE A 197 -3.80 1.84 -15.24
N LYS A 198 -4.78 2.67 -14.87
CA LYS A 198 -4.82 4.04 -15.37
C LYS A 198 -3.61 4.83 -14.92
N ALA A 199 -3.20 4.64 -13.66
CA ALA A 199 -2.04 5.35 -13.15
C ALA A 199 -0.75 4.85 -13.79
N LEU A 200 -0.63 3.52 -13.97
CA LEU A 200 0.58 2.99 -14.61
C LEU A 200 0.73 3.53 -16.02
N LYS A 201 -0.37 3.63 -16.76
CA LYS A 201 -0.31 4.21 -18.10
C LYS A 201 0.13 5.68 -18.05
N HIS A 202 -0.41 6.43 -17.09
CA HIS A 202 -0.02 7.83 -16.93
C HIS A 202 1.47 7.97 -16.66
N LEU A 203 2.03 7.07 -15.86
CA LEU A 203 3.45 7.12 -15.51
C LEU A 203 4.35 6.49 -16.55
N GLY A 204 3.78 5.90 -17.61
CA GLY A 204 4.61 5.33 -18.67
C GLY A 204 5.25 3.99 -18.36
N GLU A 205 4.69 3.22 -17.42
CA GLU A 205 5.19 1.90 -17.08
C GLU A 205 4.68 0.95 -18.16
N PRO A 206 5.53 0.52 -19.10
CA PRO A 206 5.03 -0.19 -20.30
C PRO A 206 4.44 -1.54 -19.98
N LEU A 207 3.22 -1.77 -20.47
CA LEU A 207 2.54 -3.05 -20.27
C LEU A 207 1.81 -3.45 -21.54
N ALA A 208 1.76 -4.76 -21.79
CA ALA A 208 0.91 -5.27 -22.85
C ALA A 208 -0.54 -5.28 -22.39
N THR A 209 -1.45 -5.07 -23.34
CA THR A 209 -2.89 -5.19 -23.09
C THR A 209 -3.36 -6.54 -23.61
N MET A 210 -3.98 -7.34 -22.75
CA MET A 210 -4.56 -8.60 -23.23
C MET A 210 -5.79 -8.29 -24.09
N GLN A 211 -5.90 -8.98 -25.23
CA GLN A 211 -6.86 -8.52 -26.23
C GLN A 211 -8.02 -9.48 -26.45
C1 PEG B . -11.51 8.10 11.95
O1 PEG B . -12.55 8.60 11.16
C2 PEG B . -11.90 6.67 12.38
O2 PEG B . -10.76 5.85 12.41
C3 PEG B . -10.81 4.77 11.52
C4 PEG B . -9.91 3.65 12.01
O4 PEG B . -8.56 4.00 11.85
C1 GOL C . 9.20 14.10 -4.20
O1 GOL C . 10.58 14.13 -4.47
C2 GOL C . 9.00 14.45 -2.73
O2 GOL C . 9.47 15.76 -2.48
C3 GOL C . 7.51 14.37 -2.43
O3 GOL C . 7.34 14.47 -1.05
#